data_6ULZ
#
_entry.id   6ULZ
#
_cell.length_a   161.180
_cell.length_b   161.180
_cell.length_c   138.630
_cell.angle_alpha   90.000
_cell.angle_beta   90.000
_cell.angle_gamma   90.000
#
_symmetry.space_group_name_H-M   'P 41 21 2'
#
loop_
_entity.id
_entity.type
_entity.pdbx_description
1 polymer 'Linear gramicidin synthase subunit A'
2 non-polymer 'FORMIC ACID'
3 non-polymer 'DIPHOSPHOMETHYLPHOSPHONIC ACID ADENOSYL ESTER'
4 non-polymer '3-METHYL-2-OXOBUTANOIC ACID'
5 water water
#
_entity_poly.entity_id   1
_entity_poly.type   'polypeptide(L)'
_entity_poly.pdbx_seq_one_letter_code
;GAMGRILFLTTFMSKGNKVVRYLESLHHEVVICQEKVHAQSANLQEIDWIVSYAYGYILDKEIVSRFRGRIINLHPSLLP
WNKGRDPVFWSVWDETPKGVTIHLIDEHVDTGDILVQEEIAFADEDTLLDCYNKANQAIEELFIREWENIVHGRIAPYRQ
TAGGTLHFKADRDFYKNLNMTTVRELLALKRLCAEPKRGEKPIDKTFHQLFEQQVEMTPDHVAVVDRGQSLTYKQLNERA
NQLAHHLRGKGVKPDDQVAIMLDKSLDMIVSILAVMKAGGAYVPIDPDYPGERIAYMLADSSAAILLTNALHEEKANGAC
DIIDVHDPDSYSENTNNLPHVNRPDDLVYVMYTSGSTGLAKGVMIEHHNLVNFCEWYRPYFGVTPADKALVYSSFSFDGS
ALDIFTHLLAGAALHIVPSERKYDLDALNDYCNQEGITISYLPTGAAEQFMQMDNQSFRVVITGGDVLKKIERNGTYKLY
NGYGMTECTIMVTMFEVDKPYANIPIGKPIDRTRILILDEALALQPIGVAGELFIVGEGLGRGYLNRPELTAEKFIVHPQ
TGERMYRTGDRARFLPDGNIEFLGRLDNLVKIRGYRIEPGEIEPFLMNHPLIELTTVLAKEQADGRKYLVGYYVAPEEIP
HGELREWLGNDLPDYMIPTYFVHMKAFPLTANGKVDRRALPDVQADA
;
_entity_poly.pdbx_strand_id   A
#
# COMPACT_ATOMS: atom_id res chain seq x y z
N MET A 3 58.76 -13.45 11.71
CA MET A 3 58.21 -12.77 12.92
C MET A 3 57.20 -13.68 13.63
N GLY A 4 56.07 -13.92 12.96
CA GLY A 4 55.03 -14.77 13.50
C GLY A 4 54.10 -15.23 12.41
N ARG A 5 53.42 -16.34 12.67
CA ARG A 5 52.49 -16.92 11.72
C ARG A 5 51.09 -16.44 12.06
N ILE A 6 50.46 -15.76 11.11
CA ILE A 6 49.16 -15.11 11.33
C ILE A 6 48.14 -15.75 10.41
N LEU A 7 47.03 -16.20 10.98
CA LEU A 7 45.93 -16.77 10.22
C LEU A 7 44.96 -15.66 9.82
N PHE A 8 44.72 -15.52 8.52
CA PHE A 8 43.89 -14.45 7.97
C PHE A 8 42.61 -15.07 7.40
N LEU A 9 41.53 -14.96 8.17
CA LEU A 9 40.25 -15.56 7.80
C LEU A 9 39.42 -14.54 7.02
N THR A 10 38.86 -14.98 5.89
CA THR A 10 38.00 -14.13 5.09
C THR A 10 37.40 -14.91 3.92
N THR A 11 36.20 -14.53 3.50
CA THR A 11 35.56 -15.12 2.32
C THR A 11 35.34 -14.12 1.21
N PHE A 12 34.99 -12.88 1.54
CA PHE A 12 34.68 -11.87 0.53
C PHE A 12 35.92 -11.15 0.03
N MET A 13 36.91 -10.89 0.90
CA MET A 13 38.09 -10.18 0.49
C MET A 13 39.07 -11.11 -0.22
N SER A 14 39.95 -10.51 -1.00
CA SER A 14 40.88 -11.26 -1.84
C SER A 14 42.05 -11.76 -0.99
N LYS A 15 43.05 -12.34 -1.67
CA LYS A 15 44.25 -12.83 -1.03
C LYS A 15 45.41 -11.84 -1.10
N GLY A 16 45.32 -10.83 -1.97
CA GLY A 16 46.34 -9.82 -2.08
C GLY A 16 45.92 -8.51 -1.47
N ASN A 17 45.16 -8.58 -0.38
CA ASN A 17 44.71 -7.37 0.31
C ASN A 17 45.90 -6.52 0.73
N LYS A 18 45.64 -5.21 0.86
CA LYS A 18 46.67 -4.33 1.40
C LYS A 18 47.02 -4.73 2.82
N VAL A 19 46.10 -5.39 3.52
CA VAL A 19 46.36 -5.84 4.88
C VAL A 19 47.33 -7.01 4.87
N VAL A 20 47.07 -8.01 4.01
CA VAL A 20 47.93 -9.19 3.97
C VAL A 20 49.32 -8.79 3.48
N ARG A 21 49.40 -7.94 2.45
CA ARG A 21 50.69 -7.50 1.96
C ARG A 21 51.46 -6.77 3.04
N TYR A 22 50.79 -5.87 3.77
CA TYR A 22 51.46 -5.14 4.85
C TYR A 22 51.99 -6.09 5.91
N LEU A 23 51.15 -7.02 6.37
CA LEU A 23 51.60 -7.98 7.36
C LEU A 23 52.74 -8.82 6.83
N GLU A 24 52.66 -9.24 5.57
CA GLU A 24 53.76 -9.96 4.95
C GLU A 24 55.02 -9.11 4.94
N SER A 25 54.87 -7.81 4.66
CA SER A 25 56.04 -6.93 4.62
C SER A 25 56.78 -6.91 5.95
N LEU A 26 56.09 -7.19 7.05
CA LEU A 26 56.72 -7.29 8.36
C LEU A 26 57.26 -8.70 8.62
N HIS A 27 57.37 -9.52 7.58
CA HIS A 27 57.97 -10.85 7.69
C HIS A 27 57.07 -11.82 8.45
N HIS A 28 55.77 -11.65 8.34
CA HIS A 28 54.79 -12.58 8.90
C HIS A 28 54.35 -13.55 7.81
N GLU A 29 54.35 -14.84 8.14
CA GLU A 29 53.74 -15.85 7.29
C GLU A 29 52.23 -15.75 7.45
N VAL A 30 51.54 -15.29 6.41
CA VAL A 30 50.10 -15.10 6.46
C VAL A 30 49.43 -16.31 5.83
N VAL A 31 48.67 -17.05 6.63
CA VAL A 31 47.87 -18.16 6.14
C VAL A 31 46.48 -17.64 5.83
N ILE A 32 46.05 -17.82 4.58
CA ILE A 32 44.74 -17.36 4.13
C ILE A 32 43.82 -18.57 4.09
N CYS A 33 42.72 -18.49 4.84
CA CYS A 33 41.72 -19.55 4.90
C CYS A 33 40.35 -18.91 4.72
N GLN A 34 39.54 -19.47 3.81
CA GLN A 34 38.28 -18.88 3.42
C GLN A 34 37.11 -19.83 3.67
N GLU A 35 37.27 -20.75 4.62
CA GLU A 35 36.25 -21.74 4.93
C GLU A 35 36.17 -21.93 6.43
N LYS A 36 35.07 -22.52 6.88
CA LYS A 36 34.94 -22.88 8.29
C LYS A 36 35.96 -23.94 8.65
N VAL A 37 36.51 -23.84 9.86
CA VAL A 37 37.55 -24.74 10.34
C VAL A 37 37.15 -25.26 11.71
N HIS A 38 37.95 -26.19 12.21
CA HIS A 38 37.78 -26.76 13.53
C HIS A 38 39.12 -26.77 14.25
N ALA A 39 39.09 -27.14 15.52
CA ALA A 39 40.30 -27.10 16.34
C ALA A 39 41.42 -27.89 15.68
N GLN A 40 41.10 -29.05 15.10
CA GLN A 40 42.10 -29.93 14.51
C GLN A 40 42.71 -29.36 13.21
N SER A 41 42.20 -28.26 12.70
CA SER A 41 42.63 -27.77 11.39
C SER A 41 44.11 -27.43 11.39
N ALA A 42 44.82 -27.91 10.37
CA ALA A 42 46.23 -27.56 10.22
C ALA A 42 46.45 -26.07 10.06
N ASN A 43 45.39 -25.30 9.81
CA ASN A 43 45.50 -23.85 9.71
C ASN A 43 45.61 -23.16 11.07
N LEU A 44 45.35 -23.87 12.17
CA LEU A 44 45.48 -23.33 13.51
C LEU A 44 46.78 -23.77 14.19
N GLN A 45 47.77 -24.20 13.42
CA GLN A 45 49.05 -24.66 13.95
C GLN A 45 50.02 -23.48 14.04
N GLU A 46 50.60 -23.28 15.23
CA GLU A 46 51.64 -22.27 15.42
C GLU A 46 51.16 -20.90 14.95
N ILE A 47 49.91 -20.57 15.29
CA ILE A 47 49.30 -19.30 14.89
C ILE A 47 49.43 -18.32 16.04
N ASP A 48 50.12 -17.20 15.80
CA ASP A 48 50.29 -16.19 16.83
C ASP A 48 49.08 -15.27 16.90
N TRP A 49 48.54 -14.87 15.76
CA TRP A 49 47.37 -14.00 15.72
C TRP A 49 46.41 -14.50 14.65
N ILE A 50 45.12 -14.27 14.88
CA ILE A 50 44.07 -14.51 13.89
C ILE A 50 43.46 -13.16 13.53
N VAL A 51 43.39 -12.87 12.24
CA VAL A 51 42.82 -11.64 11.73
C VAL A 51 41.67 -12.03 10.81
N SER A 52 40.44 -11.68 11.18
CA SER A 52 39.27 -11.92 10.36
C SER A 52 38.85 -10.63 9.67
N TYR A 53 38.35 -10.75 8.44
CA TYR A 53 37.94 -9.60 7.64
C TYR A 53 36.85 -10.09 6.69
N ALA A 54 35.60 -9.76 7.00
CA ALA A 54 34.46 -10.20 6.19
C ALA A 54 34.45 -11.73 6.10
N TYR A 55 34.53 -12.37 7.25
CA TYR A 55 34.57 -13.83 7.35
C TYR A 55 33.16 -14.34 7.59
N GLY A 56 32.65 -15.14 6.66
CA GLY A 56 31.25 -15.52 6.68
C GLY A 56 30.93 -16.74 7.51
N TYR A 57 31.74 -17.02 8.53
CA TYR A 57 31.54 -18.19 9.38
C TYR A 57 31.91 -17.84 10.82
N ILE A 58 31.41 -18.68 11.73
CA ILE A 58 31.62 -18.50 13.16
C ILE A 58 32.74 -19.43 13.62
N LEU A 59 33.68 -18.88 14.39
CA LEU A 59 34.71 -19.69 15.02
C LEU A 59 34.11 -20.41 16.22
N ASP A 60 34.40 -21.71 16.33
CA ASP A 60 33.87 -22.47 17.45
C ASP A 60 34.36 -21.90 18.78
N LYS A 61 33.53 -22.02 19.81
CA LYS A 61 33.91 -21.48 21.12
C LYS A 61 35.24 -22.06 21.58
N GLU A 62 35.48 -23.33 21.28
CA GLU A 62 36.75 -23.96 21.60
C GLU A 62 37.92 -23.16 21.04
N ILE A 63 37.79 -22.66 19.80
CA ILE A 63 38.86 -21.90 19.19
C ILE A 63 38.95 -20.50 19.81
N VAL A 64 37.81 -19.85 20.01
CA VAL A 64 37.81 -18.51 20.58
C VAL A 64 38.47 -18.51 21.95
N SER A 65 38.21 -19.56 22.74
CA SER A 65 38.81 -19.63 24.07
C SER A 65 40.33 -19.70 24.00
N ARG A 66 40.87 -20.60 23.17
CA ARG A 66 42.32 -20.75 23.10
C ARG A 66 42.99 -19.49 22.61
N PHE A 67 42.36 -18.77 21.68
CA PHE A 67 42.93 -17.57 21.10
C PHE A 67 42.36 -16.29 21.71
N ARG A 68 41.83 -16.37 22.94
CA ARG A 68 41.27 -15.20 23.60
C ARG A 68 42.26 -14.04 23.56
N GLY A 69 41.78 -12.87 23.18
CA GLY A 69 42.60 -11.69 23.08
C GLY A 69 43.54 -11.65 21.90
N ARG A 70 43.53 -12.68 21.06
CA ARG A 70 44.38 -12.72 19.87
C ARG A 70 43.58 -12.83 18.57
N ILE A 71 42.26 -12.75 18.64
CA ILE A 71 41.40 -12.74 17.45
C ILE A 71 40.99 -11.29 17.20
N ILE A 72 41.39 -10.76 16.06
CA ILE A 72 41.15 -9.38 15.69
C ILE A 72 40.28 -9.37 14.43
N ASN A 73 39.19 -8.61 14.48
CA ASN A 73 38.24 -8.55 13.38
C ASN A 73 38.21 -7.15 12.79
N LEU A 74 38.07 -7.08 11.47
CA LEU A 74 37.91 -5.82 10.76
C LEU A 74 36.45 -5.75 10.30
N HIS A 75 35.67 -4.89 10.94
CA HIS A 75 34.23 -4.76 10.65
C HIS A 75 33.95 -3.35 10.17
N PRO A 76 33.58 -3.15 8.89
CA PRO A 76 33.38 -1.77 8.38
C PRO A 76 32.05 -1.16 8.80
N SER A 77 31.97 -0.78 10.08
CA SER A 77 30.82 -0.08 10.62
C SER A 77 31.24 0.57 11.92
N LEU A 78 30.38 1.45 12.43
CA LEU A 78 30.62 2.10 13.72
C LEU A 78 29.88 1.31 14.79
N LEU A 79 30.45 0.16 15.15
CA LEU A 79 29.87 -0.68 16.19
C LEU A 79 29.57 0.17 17.43
N PRO A 80 28.48 -0.12 18.15
CA PRO A 80 27.55 -1.25 17.99
C PRO A 80 26.59 -1.16 16.81
N TRP A 81 26.68 -0.09 16.02
CA TRP A 81 25.76 0.10 14.91
C TRP A 81 26.11 -0.85 13.76
N ASN A 82 25.09 -1.51 13.22
CA ASN A 82 25.23 -2.34 12.02
C ASN A 82 26.15 -3.54 12.27
N LYS A 83 25.80 -4.32 13.29
CA LYS A 83 26.44 -5.61 13.50
C LYS A 83 25.97 -6.60 12.44
N GLY A 84 26.73 -7.67 12.28
CA GLY A 84 26.33 -8.77 11.42
C GLY A 84 26.74 -8.55 9.98
N ARG A 85 25.80 -8.79 9.06
CA ARG A 85 26.07 -8.80 7.63
C ARG A 85 25.62 -7.50 6.98
N ASP A 86 26.20 -7.23 5.81
CA ASP A 86 25.88 -6.04 5.02
C ASP A 86 25.93 -4.76 5.84
N PRO A 87 26.99 -4.55 6.63
CA PRO A 87 27.03 -3.38 7.51
C PRO A 87 26.94 -2.06 6.77
N VAL A 88 27.74 -1.87 5.72
CA VAL A 88 27.76 -0.59 5.01
C VAL A 88 26.38 -0.27 4.45
N PHE A 89 25.73 -1.26 3.83
CA PHE A 89 24.41 -1.02 3.25
C PHE A 89 23.43 -0.55 4.32
N TRP A 90 23.22 -1.37 5.35
CA TRP A 90 22.30 -0.97 6.41
C TRP A 90 22.76 0.30 7.10
N SER A 91 24.07 0.57 7.10
CA SER A 91 24.55 1.87 7.56
C SER A 91 23.80 2.99 6.87
N VAL A 92 23.63 2.88 5.56
CA VAL A 92 22.98 3.93 4.78
C VAL A 92 21.46 3.84 4.94
N TRP A 93 20.90 2.67 4.70
CA TRP A 93 19.45 2.51 4.73
C TRP A 93 18.88 2.89 6.09
N ASP A 94 19.34 2.22 7.15
CA ASP A 94 18.86 2.54 8.50
C ASP A 94 19.27 3.94 8.96
N GLU A 95 20.11 4.64 8.20
CA GLU A 95 20.51 6.00 8.55
C GLU A 95 21.12 6.05 9.95
N THR A 96 22.11 5.21 10.17
CA THR A 96 22.83 5.12 11.43
C THR A 96 24.17 5.83 11.31
N PRO A 97 24.83 6.10 12.43
CA PRO A 97 26.21 6.61 12.36
C PRO A 97 27.09 5.67 11.54
N LYS A 98 28.15 6.23 10.98
CA LYS A 98 28.98 5.53 10.01
C LYS A 98 30.44 5.56 10.41
N GLY A 99 31.13 4.45 10.18
CA GLY A 99 32.54 4.35 10.52
C GLY A 99 33.05 2.95 10.27
N VAL A 100 34.24 2.70 10.82
CA VAL A 100 34.88 1.39 10.72
C VAL A 100 35.47 1.04 12.08
N THR A 101 35.39 -0.24 12.45
CA THR A 101 35.78 -0.69 13.77
C THR A 101 36.71 -1.90 13.66
N ILE A 102 37.81 -1.85 14.41
CA ILE A 102 38.67 -3.00 14.64
C ILE A 102 38.47 -3.42 16.09
N HIS A 103 37.93 -4.61 16.29
CA HIS A 103 37.50 -5.04 17.61
C HIS A 103 37.94 -6.46 17.89
N LEU A 104 37.93 -6.82 19.17
CA LEU A 104 38.19 -8.20 19.57
C LEU A 104 36.98 -9.07 19.28
N ILE A 105 37.25 -10.34 18.98
CA ILE A 105 36.19 -11.32 18.76
C ILE A 105 35.89 -12.01 20.08
N ASP A 106 34.61 -12.11 20.42
CA ASP A 106 34.18 -12.76 21.64
C ASP A 106 33.16 -13.83 21.28
N GLU A 107 32.32 -14.19 22.25
CA GLU A 107 31.41 -15.32 22.12
C GLU A 107 30.14 -15.01 21.34
N HIS A 108 30.01 -13.82 20.77
CA HIS A 108 28.82 -13.43 20.04
C HIS A 108 29.22 -12.67 18.78
N VAL A 109 28.21 -12.18 18.06
CA VAL A 109 28.40 -11.63 16.72
C VAL A 109 28.80 -10.16 16.84
N ASP A 110 30.07 -9.86 16.60
CA ASP A 110 30.56 -8.48 16.52
C ASP A 110 30.21 -7.69 17.77
N THR A 111 30.38 -8.31 18.94
CA THR A 111 30.09 -7.66 20.22
C THR A 111 31.32 -7.43 21.08
N GLY A 112 32.46 -8.03 20.73
CA GLY A 112 33.65 -7.90 21.56
C GLY A 112 34.11 -6.46 21.68
N ASP A 113 35.00 -6.25 22.65
CA ASP A 113 35.49 -4.91 22.94
C ASP A 113 36.22 -4.32 21.74
N ILE A 114 36.24 -3.00 21.68
CA ILE A 114 36.80 -2.26 20.55
C ILE A 114 38.27 -1.97 20.80
N LEU A 115 39.07 -2.02 19.73
CA LEU A 115 40.47 -1.62 19.77
C LEU A 115 40.65 -0.21 19.20
N VAL A 116 40.30 -0.01 17.93
CA VAL A 116 40.33 1.30 17.30
C VAL A 116 39.08 1.43 16.44
N GLN A 117 38.58 2.66 16.37
CA GLN A 117 37.35 2.96 15.65
C GLN A 117 37.40 4.42 15.21
N GLU A 118 37.02 4.68 13.97
CA GLU A 118 37.01 6.03 13.43
C GLU A 118 35.75 6.24 12.60
N GLU A 119 35.39 7.51 12.42
CA GLU A 119 34.21 7.84 11.66
C GLU A 119 34.50 7.79 10.16
N ILE A 120 33.43 7.71 9.37
CA ILE A 120 33.52 7.73 7.92
C ILE A 120 32.32 8.49 7.37
N ALA A 121 32.49 9.03 6.17
CA ALA A 121 31.45 9.81 5.51
C ALA A 121 31.23 9.31 4.09
N PHE A 122 29.98 9.25 3.66
CA PHE A 122 29.60 8.89 2.30
C PHE A 122 28.97 10.09 1.64
N ALA A 123 29.39 10.38 0.42
CA ALA A 123 28.79 11.49 -0.34
C ALA A 123 27.37 11.14 -0.73
N ASP A 124 26.53 12.17 -0.83
CA ASP A 124 25.15 11.96 -1.24
C ASP A 124 25.06 11.24 -2.57
N GLU A 125 26.00 11.50 -3.48
CA GLU A 125 25.95 10.94 -4.82
C GLU A 125 26.88 9.74 -5.00
N ASP A 126 27.37 9.16 -3.91
CA ASP A 126 28.12 7.92 -3.99
C ASP A 126 27.18 6.73 -4.18
N THR A 127 27.65 5.73 -4.91
CA THR A 127 26.90 4.49 -5.03
C THR A 127 27.13 3.62 -3.80
N LEU A 128 26.20 2.70 -3.56
CA LEU A 128 26.36 1.78 -2.44
C LEU A 128 27.61 0.94 -2.61
N LEU A 129 27.95 0.59 -3.86
CA LEU A 129 29.23 -0.07 -4.11
C LEU A 129 30.39 0.84 -3.76
N ASP A 130 30.33 2.10 -4.18
CA ASP A 130 31.35 3.06 -3.78
C ASP A 130 31.48 3.13 -2.27
N CYS A 131 30.35 3.18 -1.57
CA CYS A 131 30.37 3.18 -0.10
C CYS A 131 31.04 1.93 0.42
N TYR A 132 30.66 0.76 -0.11
CA TYR A 132 31.29 -0.48 0.30
C TYR A 132 32.80 -0.43 0.15
N ASN A 133 33.28 0.13 -0.97
CA ASN A 133 34.72 0.19 -1.22
C ASN A 133 35.38 1.28 -0.37
N LYS A 134 34.76 2.46 -0.28
CA LYS A 134 35.33 3.53 0.54
C LYS A 134 35.53 3.08 1.98
N ALA A 135 34.64 2.23 2.49
CA ALA A 135 34.77 1.76 3.86
C ALA A 135 35.85 0.68 3.99
N ASN A 136 35.86 -0.28 3.08
CA ASN A 136 36.89 -1.32 3.10
C ASN A 136 38.28 -0.71 3.01
N GLN A 137 38.44 0.32 2.16
CA GLN A 137 39.73 0.98 2.07
C GLN A 137 40.06 1.72 3.36
N ALA A 138 39.07 2.38 3.96
CA ALA A 138 39.31 3.13 5.19
C ALA A 138 39.76 2.22 6.32
N ILE A 139 39.09 1.07 6.48
CA ILE A 139 39.42 0.18 7.59
C ILE A 139 40.76 -0.49 7.35
N GLU A 140 41.05 -0.88 6.11
CA GLU A 140 42.35 -1.46 5.80
C GLU A 140 43.48 -0.51 6.17
N GLU A 141 43.32 0.78 5.85
CA GLU A 141 44.33 1.75 6.24
C GLU A 141 44.42 1.88 7.75
N LEU A 142 43.27 1.93 8.43
CA LEU A 142 43.27 1.98 9.89
C LEU A 142 44.05 0.82 10.49
N PHE A 143 43.88 -0.37 9.94
CA PHE A 143 44.62 -1.53 10.45
C PHE A 143 46.12 -1.35 10.30
N ILE A 144 46.57 -0.96 9.09
CA ILE A 144 47.99 -0.72 8.86
C ILE A 144 48.51 0.35 9.81
N ARG A 145 47.71 1.38 10.04
CA ARG A 145 48.14 2.48 10.89
C ARG A 145 48.28 2.03 12.35
N GLU A 146 47.33 1.24 12.84
CA GLU A 146 47.27 0.88 14.24
C GLU A 146 47.76 -0.54 14.54
N TRP A 147 48.24 -1.28 13.53
CA TRP A 147 48.65 -2.66 13.76
C TRP A 147 49.71 -2.74 14.85
N GLU A 148 50.76 -1.92 14.74
CA GLU A 148 51.85 -1.96 15.73
C GLU A 148 51.31 -1.75 17.14
N ASN A 149 50.37 -0.81 17.31
CA ASN A 149 49.78 -0.60 18.62
C ASN A 149 49.02 -1.84 19.08
N ILE A 150 48.50 -2.64 18.15
CA ILE A 150 47.72 -3.80 18.55
C ILE A 150 48.61 -4.99 18.88
N VAL A 151 49.75 -5.14 18.18
CA VAL A 151 50.63 -6.28 18.44
C VAL A 151 51.20 -6.19 19.84
N HIS A 152 51.64 -5.00 20.24
CA HIS A 152 52.21 -4.79 21.56
C HIS A 152 51.15 -4.64 22.65
N GLY A 153 49.88 -4.80 22.29
CA GLY A 153 48.82 -4.79 23.29
C GLY A 153 48.83 -3.55 24.16
N ARG A 154 49.19 -2.41 23.58
CA ARG A 154 49.20 -1.16 24.33
C ARG A 154 47.90 -0.39 24.19
N ILE A 155 46.97 -0.85 23.37
CA ILE A 155 45.65 -0.23 23.27
C ILE A 155 44.75 -0.87 24.31
N ALA A 156 44.15 -0.04 25.16
CA ALA A 156 43.20 -0.51 26.16
C ALA A 156 41.85 -0.73 25.50
N PRO A 157 41.41 -1.98 25.33
CA PRO A 157 40.11 -2.21 24.69
C PRO A 157 38.97 -1.71 25.57
N TYR A 158 38.04 -0.99 24.95
CA TYR A 158 36.90 -0.44 25.66
C TYR A 158 35.61 -1.10 25.18
N ARG A 159 34.67 -1.27 26.11
CA ARG A 159 33.42 -1.95 25.80
C ARG A 159 32.57 -1.11 24.85
N GLN A 160 31.80 -1.80 24.01
CA GLN A 160 30.95 -1.12 23.05
C GLN A 160 29.84 -0.35 23.75
N THR A 161 29.46 0.79 23.17
CA THR A 161 28.31 1.52 23.66
C THR A 161 27.07 0.62 23.63
N ALA A 162 26.06 1.01 24.41
CA ALA A 162 24.84 0.23 24.47
C ALA A 162 24.00 0.42 23.22
N GLY A 163 23.29 -0.62 22.84
CA GLY A 163 22.32 -0.54 21.74
C GLY A 163 22.91 -1.02 20.42
N GLY A 164 22.64 -0.25 19.36
CA GLY A 164 23.06 -0.63 18.03
C GLY A 164 22.00 -1.43 17.30
N THR A 165 22.41 -1.98 16.16
CA THR A 165 21.53 -2.78 15.32
C THR A 165 22.27 -4.03 14.87
N LEU A 166 21.51 -5.04 14.47
CA LEU A 166 22.04 -6.29 13.96
C LEU A 166 21.27 -6.68 12.71
N HIS A 167 21.98 -7.33 11.79
CA HIS A 167 21.39 -7.78 10.53
C HIS A 167 21.96 -9.14 10.16
N PHE A 168 21.16 -9.91 9.42
CA PHE A 168 21.50 -11.27 9.04
C PHE A 168 21.74 -11.36 7.54
N LYS A 169 22.17 -12.55 7.12
CA LYS A 169 22.54 -12.75 5.72
C LYS A 169 21.37 -12.47 4.79
N ALA A 170 20.17 -12.87 5.18
CA ALA A 170 19.00 -12.82 4.30
C ALA A 170 18.26 -11.48 4.35
N ASP A 171 18.59 -10.60 5.29
CA ASP A 171 17.85 -9.36 5.44
C ASP A 171 17.91 -8.49 4.19
N ARG A 172 18.92 -8.67 3.34
CA ARG A 172 19.08 -7.84 2.16
C ARG A 172 18.46 -8.44 0.91
N ASP A 173 17.79 -9.60 1.01
CA ASP A 173 17.22 -10.23 -0.16
C ASP A 173 16.24 -9.31 -0.88
N PHE A 174 15.40 -8.60 -0.12
CA PHE A 174 14.42 -7.70 -0.71
C PHE A 174 15.10 -6.57 -1.47
N TYR A 175 16.33 -6.23 -1.09
CA TYR A 175 17.05 -5.07 -1.64
C TYR A 175 18.19 -5.51 -2.55
N LYS A 176 18.08 -6.70 -3.15
CA LYS A 176 19.17 -7.25 -3.94
C LYS A 176 19.48 -6.46 -5.20
N ASN A 177 18.59 -5.56 -5.61
CA ASN A 177 18.75 -4.80 -6.84
C ASN A 177 19.23 -3.37 -6.59
N LEU A 178 19.58 -3.04 -5.35
CA LEU A 178 19.90 -1.67 -4.97
C LEU A 178 21.40 -1.43 -4.87
N ASN A 179 22.23 -2.39 -5.25
CA ASN A 179 23.66 -2.28 -4.98
C ASN A 179 24.29 -1.14 -5.76
N MET A 180 23.88 -0.94 -7.02
CA MET A 180 24.43 0.12 -7.84
C MET A 180 23.66 1.43 -7.72
N THR A 181 22.77 1.54 -6.73
CA THR A 181 22.02 2.77 -6.53
C THR A 181 22.88 3.80 -5.79
N THR A 182 22.45 5.05 -5.90
CA THR A 182 23.11 6.14 -5.18
C THR A 182 22.56 6.23 -3.75
N VAL A 183 23.36 6.83 -2.87
CA VAL A 183 22.93 7.03 -1.48
C VAL A 183 21.59 7.78 -1.46
N ARG A 184 21.56 8.98 -2.05
CA ARG A 184 20.33 9.77 -2.03
C ARG A 184 19.24 9.12 -2.86
N GLU A 185 19.61 8.41 -3.93
CA GLU A 185 18.61 7.66 -4.69
C GLU A 185 18.05 6.49 -3.89
N LEU A 186 18.88 5.90 -3.01
CA LEU A 186 18.40 4.82 -2.16
C LEU A 186 17.48 5.35 -1.07
N LEU A 187 17.91 6.40 -0.37
CA LEU A 187 17.08 6.96 0.70
C LEU A 187 15.76 7.49 0.15
N ALA A 188 15.76 8.03 -1.07
CA ALA A 188 14.50 8.42 -1.70
C ALA A 188 13.57 7.22 -1.79
N LEU A 189 14.06 6.10 -2.31
CA LEU A 189 13.25 4.89 -2.38
C LEU A 189 12.76 4.49 -1.00
N LYS A 190 13.58 4.71 0.04
CA LYS A 190 13.15 4.39 1.39
C LYS A 190 11.89 5.16 1.77
N ARG A 191 11.89 6.48 1.52
CA ARG A 191 10.72 7.29 1.85
C ARG A 191 9.46 6.76 1.17
N LEU A 192 9.57 6.37 -0.09
CA LEU A 192 8.40 5.98 -0.86
C LEU A 192 7.88 4.60 -0.48
N CYS A 193 8.74 3.72 0.02
CA CYS A 193 8.38 2.33 0.22
C CYS A 193 8.64 1.79 1.61
N ALA A 194 9.20 2.60 2.52
CA ALA A 194 9.46 2.13 3.87
C ALA A 194 8.14 1.86 4.59
N GLU A 195 8.21 0.98 5.59
CA GLU A 195 7.05 0.54 6.34
C GLU A 195 6.38 1.74 7.01
N PRO A 196 5.13 1.58 7.48
CA PRO A 196 4.44 2.71 8.13
C PRO A 196 5.17 3.17 9.37
N LYS A 197 5.08 4.47 9.63
CA LYS A 197 5.69 5.02 10.83
C LYS A 197 4.95 4.54 12.08
N ARG A 198 5.51 4.86 13.24
CA ARG A 198 4.95 4.42 14.49
C ARG A 198 3.73 5.25 14.86
N GLY A 199 2.97 4.75 15.84
CA GLY A 199 1.86 5.48 16.42
C GLY A 199 0.52 5.27 15.75
N GLU A 200 0.49 4.57 14.62
CA GLU A 200 -0.76 4.41 13.89
C GLU A 200 -1.69 3.43 14.60
N LYS A 201 -3.00 3.69 14.50
CA LYS A 201 -4.02 2.85 15.08
C LYS A 201 -4.95 2.36 13.97
N PRO A 202 -5.57 1.19 14.13
CA PRO A 202 -6.50 0.71 13.11
C PRO A 202 -7.74 1.57 13.03
N ILE A 203 -8.38 1.52 11.85
CA ILE A 203 -9.64 2.22 11.65
C ILE A 203 -10.68 1.64 12.60
N ASP A 204 -11.42 2.51 13.28
CA ASP A 204 -12.36 2.10 14.32
C ASP A 204 -13.80 2.46 14.01
N LYS A 205 -14.10 2.86 12.77
CA LYS A 205 -15.44 3.31 12.41
C LYS A 205 -15.95 2.53 11.21
N THR A 206 -17.26 2.33 11.17
CA THR A 206 -17.97 1.86 10.00
C THR A 206 -18.56 3.06 9.26
N PHE A 207 -18.94 2.84 8.00
CA PHE A 207 -19.48 3.95 7.21
C PHE A 207 -20.76 4.50 7.84
N HIS A 208 -21.79 3.66 7.96
CA HIS A 208 -23.07 4.13 8.48
C HIS A 208 -22.90 4.74 9.87
N GLN A 209 -21.87 4.32 10.61
CA GLN A 209 -21.55 4.99 11.87
C GLN A 209 -21.19 6.45 11.63
N LEU A 210 -20.34 6.71 10.64
CA LEU A 210 -19.95 8.08 10.33
C LEU A 210 -21.10 8.84 9.67
N PHE A 211 -21.90 8.16 8.85
CA PHE A 211 -23.03 8.83 8.20
C PHE A 211 -24.02 9.33 9.24
N GLU A 212 -24.39 8.47 10.20
CA GLU A 212 -25.28 8.90 11.27
C GLU A 212 -24.70 10.09 12.03
N GLN A 213 -23.37 10.16 12.13
CA GLN A 213 -22.74 11.34 12.72
C GLN A 213 -22.96 12.57 11.86
N GLN A 214 -22.75 12.43 10.54
CA GLN A 214 -22.93 13.57 9.64
C GLN A 214 -24.37 14.04 9.62
N VAL A 215 -25.33 13.14 9.85
CA VAL A 215 -26.74 13.53 9.86
C VAL A 215 -26.99 14.50 11.00
N GLU A 216 -26.48 14.19 12.19
CA GLU A 216 -26.69 15.08 13.33
C GLU A 216 -26.08 16.45 13.09
N MET A 217 -24.99 16.52 12.34
CA MET A 217 -24.33 17.80 12.11
C MET A 217 -25.08 18.65 11.09
N THR A 218 -25.52 18.06 9.98
CA THR A 218 -26.22 18.79 8.92
C THR A 218 -27.54 18.10 8.59
N PRO A 219 -28.45 18.00 9.56
CA PRO A 219 -29.68 17.22 9.33
C PRO A 219 -30.59 17.80 8.27
N ASP A 220 -30.72 19.12 8.23
CA ASP A 220 -31.65 19.75 7.31
C ASP A 220 -31.04 20.05 5.95
N HIS A 221 -29.73 19.86 5.79
CA HIS A 221 -29.09 20.03 4.49
C HIS A 221 -29.57 18.97 3.50
N VAL A 222 -29.64 19.37 2.23
CA VAL A 222 -30.07 18.43 1.19
C VAL A 222 -29.03 17.34 1.03
N ALA A 223 -29.49 16.09 0.93
CA ALA A 223 -28.63 14.93 0.86
C ALA A 223 -28.56 14.32 -0.53
N VAL A 224 -29.72 14.12 -1.17
CA VAL A 224 -29.76 13.52 -2.51
C VAL A 224 -30.94 14.10 -3.26
N VAL A 225 -30.77 14.26 -4.57
CA VAL A 225 -31.77 14.85 -5.44
C VAL A 225 -31.95 13.96 -6.66
N ASP A 226 -33.19 13.82 -7.10
CA ASP A 226 -33.49 13.09 -8.33
C ASP A 226 -34.67 13.81 -8.98
N ARG A 227 -34.39 14.59 -10.02
CA ARG A 227 -35.43 15.33 -10.73
C ARG A 227 -36.03 16.34 -9.78
N GLY A 228 -37.34 16.31 -9.54
CA GLY A 228 -37.96 17.29 -8.70
C GLY A 228 -37.91 16.98 -7.21
N GLN A 229 -37.71 15.71 -6.87
CA GLN A 229 -37.79 15.26 -5.48
C GLN A 229 -36.42 15.26 -4.82
N SER A 230 -36.42 15.44 -3.50
CA SER A 230 -35.18 15.52 -2.75
C SER A 230 -35.41 15.02 -1.33
N LEU A 231 -34.34 14.49 -0.73
CA LEU A 231 -34.34 14.07 0.67
C LEU A 231 -33.19 14.77 1.39
N THR A 232 -33.44 15.18 2.62
CA THR A 232 -32.39 15.75 3.45
C THR A 232 -31.68 14.64 4.22
N TYR A 233 -30.56 15.00 4.86
CA TYR A 233 -29.81 14.01 5.62
C TYR A 233 -30.68 13.34 6.68
N LYS A 234 -31.51 14.12 7.38
CA LYS A 234 -32.42 13.51 8.34
C LYS A 234 -33.46 12.66 7.64
N GLN A 235 -34.14 13.22 6.64
CA GLN A 235 -35.16 12.48 5.90
C GLN A 235 -34.59 11.17 5.37
N LEU A 236 -33.48 11.25 4.63
CA LEU A 236 -32.84 10.04 4.11
C LEU A 236 -32.49 9.09 5.24
N ASN A 237 -31.94 9.62 6.33
CA ASN A 237 -31.49 8.77 7.43
C ASN A 237 -32.68 8.07 8.09
N GLU A 238 -33.79 8.77 8.28
CA GLU A 238 -34.95 8.17 8.92
C GLU A 238 -35.56 7.08 8.04
N ARG A 239 -35.69 7.35 6.73
CA ARG A 239 -36.28 6.36 5.84
C ARG A 239 -35.41 5.11 5.76
N ALA A 240 -34.08 5.30 5.70
CA ALA A 240 -33.18 4.15 5.69
C ALA A 240 -33.31 3.32 6.96
N ASN A 241 -33.40 3.98 8.12
CA ASN A 241 -33.61 3.26 9.36
C ASN A 241 -34.88 2.42 9.31
N GLN A 242 -35.99 3.03 8.88
CA GLN A 242 -37.25 2.30 8.79
C GLN A 242 -37.07 1.00 8.02
N LEU A 243 -36.39 1.07 6.87
CA LEU A 243 -36.17 -0.13 6.08
C LEU A 243 -35.14 -1.05 6.73
N ALA A 244 -34.12 -0.46 7.35
CA ALA A 244 -33.09 -1.28 8.01
C ALA A 244 -33.69 -2.08 9.16
N HIS A 245 -34.59 -1.47 9.94
CA HIS A 245 -35.26 -2.21 11.00
C HIS A 245 -35.98 -3.43 10.45
N HIS A 246 -36.69 -3.26 9.34
CA HIS A 246 -37.40 -4.37 8.73
C HIS A 246 -36.42 -5.46 8.27
N LEU A 247 -35.28 -5.05 7.72
CA LEU A 247 -34.29 -6.01 7.25
C LEU A 247 -33.72 -6.82 8.41
N ARG A 248 -33.16 -6.13 9.41
CA ARG A 248 -32.59 -6.85 10.54
C ARG A 248 -33.62 -7.78 11.18
N GLY A 249 -34.90 -7.41 11.15
CA GLY A 249 -35.95 -8.28 11.64
C GLY A 249 -36.18 -9.49 10.76
N LYS A 250 -35.72 -9.45 9.50
CA LYS A 250 -35.81 -10.58 8.60
C LYS A 250 -34.54 -11.43 8.59
N GLY A 251 -33.69 -11.30 9.61
CA GLY A 251 -32.56 -12.17 9.80
C GLY A 251 -31.23 -11.66 9.30
N VAL A 252 -31.17 -10.44 8.76
CA VAL A 252 -29.91 -9.91 8.27
C VAL A 252 -28.94 -9.81 9.45
N LYS A 253 -27.70 -10.27 9.23
CA LYS A 253 -26.67 -10.30 10.25
C LYS A 253 -25.37 -9.80 9.63
N PRO A 254 -24.39 -9.42 10.46
CA PRO A 254 -23.11 -8.98 9.91
C PRO A 254 -22.53 -9.99 8.94
N ASP A 255 -21.88 -9.48 7.90
CA ASP A 255 -21.28 -10.24 6.81
C ASP A 255 -22.31 -10.89 5.89
N ASP A 256 -23.61 -10.75 6.16
CA ASP A 256 -24.60 -11.23 5.22
C ASP A 256 -24.67 -10.32 4.00
N GLN A 257 -24.94 -10.93 2.85
CA GLN A 257 -25.05 -10.20 1.60
C GLN A 257 -26.53 -10.00 1.26
N VAL A 258 -26.89 -8.76 0.93
CA VAL A 258 -28.24 -8.40 0.54
C VAL A 258 -28.16 -7.77 -0.83
N ALA A 259 -28.90 -8.33 -1.79
CA ALA A 259 -28.87 -7.86 -3.16
C ALA A 259 -29.84 -6.70 -3.34
N ILE A 260 -29.40 -5.70 -4.10
CA ILE A 260 -30.23 -4.55 -4.47
C ILE A 260 -30.30 -4.51 -5.98
N MET A 261 -31.53 -4.41 -6.50
CA MET A 261 -31.79 -4.42 -7.95
C MET A 261 -32.74 -3.27 -8.25
N LEU A 262 -32.18 -2.09 -8.49
CA LEU A 262 -32.97 -0.89 -8.77
C LEU A 262 -32.24 -0.03 -9.79
N ASP A 263 -33.01 0.78 -10.50
CA ASP A 263 -32.43 1.82 -11.32
C ASP A 263 -32.10 3.04 -10.45
N LYS A 264 -31.21 3.89 -10.95
CA LYS A 264 -30.78 5.04 -10.17
C LYS A 264 -31.98 5.87 -9.77
N SER A 265 -32.14 6.07 -8.47
CA SER A 265 -33.29 6.78 -7.91
C SER A 265 -32.98 7.06 -6.45
N LEU A 266 -33.89 7.77 -5.79
CA LEU A 266 -33.77 7.96 -4.35
C LEU A 266 -33.85 6.62 -3.63
N ASP A 267 -34.73 5.73 -4.09
CA ASP A 267 -34.89 4.44 -3.43
C ASP A 267 -33.59 3.66 -3.40
N MET A 268 -32.72 3.86 -4.40
CA MET A 268 -31.44 3.17 -4.42
C MET A 268 -30.59 3.59 -3.22
N ILE A 269 -30.47 4.90 -3.00
CA ILE A 269 -29.65 5.38 -1.88
C ILE A 269 -30.23 4.89 -0.55
N VAL A 270 -31.55 4.98 -0.40
CA VAL A 270 -32.21 4.48 0.80
C VAL A 270 -31.89 2.99 0.99
N SER A 271 -32.01 2.21 -0.07
CA SER A 271 -31.78 0.77 0.04
C SER A 271 -30.34 0.48 0.43
N ILE A 272 -29.38 1.14 -0.21
CA ILE A 272 -27.98 0.91 0.10
C ILE A 272 -27.71 1.16 1.59
N LEU A 273 -28.04 2.36 2.05
CA LEU A 273 -27.84 2.68 3.46
C LEU A 273 -28.61 1.72 4.35
N ALA A 274 -29.88 1.47 4.02
CA ALA A 274 -30.70 0.57 4.83
C ALA A 274 -30.02 -0.78 5.03
N VAL A 275 -29.42 -1.32 3.97
CA VAL A 275 -28.70 -2.59 4.09
C VAL A 275 -27.53 -2.42 5.06
N MET A 276 -26.73 -1.38 4.87
CA MET A 276 -25.62 -1.10 5.78
C MET A 276 -26.09 -1.00 7.22
N LYS A 277 -27.09 -0.16 7.49
CA LYS A 277 -27.53 0.05 8.86
C LYS A 277 -28.07 -1.23 9.48
N ALA A 278 -28.66 -2.11 8.66
CA ALA A 278 -29.14 -3.39 9.17
C ALA A 278 -27.99 -4.31 9.58
N GLY A 279 -26.80 -4.10 9.02
CA GLY A 279 -25.63 -4.89 9.34
C GLY A 279 -25.04 -5.64 8.17
N GLY A 280 -25.71 -5.69 7.02
CA GLY A 280 -25.25 -6.46 5.88
C GLY A 280 -24.38 -5.66 4.93
N ALA A 281 -24.09 -6.27 3.79
CA ALA A 281 -23.32 -5.66 2.72
C ALA A 281 -24.13 -5.75 1.43
N TYR A 282 -24.23 -4.64 0.71
CA TYR A 282 -25.14 -4.58 -0.42
C TYR A 282 -24.46 -5.10 -1.68
N VAL A 283 -25.16 -5.94 -2.42
CA VAL A 283 -24.68 -6.52 -3.67
C VAL A 283 -25.45 -5.87 -4.82
N PRO A 284 -24.91 -4.86 -5.49
CA PRO A 284 -25.68 -4.18 -6.54
C PRO A 284 -25.78 -5.03 -7.79
N ILE A 285 -26.99 -5.08 -8.35
CA ILE A 285 -27.29 -5.83 -9.57
C ILE A 285 -28.00 -4.87 -10.51
N ASP A 286 -27.30 -4.45 -11.56
CA ASP A 286 -27.90 -3.62 -12.60
C ASP A 286 -29.06 -4.38 -13.25
N PRO A 287 -30.29 -3.85 -13.23
CA PRO A 287 -31.40 -4.63 -13.78
C PRO A 287 -31.36 -4.75 -15.29
N ASP A 288 -30.57 -3.92 -15.98
CA ASP A 288 -30.41 -4.04 -17.43
C ASP A 288 -29.43 -5.13 -17.83
N TYR A 289 -28.74 -5.75 -16.87
CA TYR A 289 -27.82 -6.82 -17.20
C TYR A 289 -28.58 -7.98 -17.86
N PRO A 290 -27.94 -8.71 -18.78
CA PRO A 290 -28.56 -9.92 -19.32
C PRO A 290 -29.00 -10.86 -18.20
N GLY A 291 -30.13 -11.53 -18.41
CA GLY A 291 -30.69 -12.41 -17.39
C GLY A 291 -29.72 -13.48 -16.94
N GLU A 292 -28.81 -13.91 -17.84
CA GLU A 292 -27.79 -14.88 -17.45
C GLU A 292 -26.92 -14.34 -16.32
N ARG A 293 -26.32 -13.17 -16.54
CA ARG A 293 -25.49 -12.55 -15.51
C ARG A 293 -26.26 -12.40 -14.21
N ILE A 294 -27.49 -11.89 -14.29
CA ILE A 294 -28.29 -11.64 -13.10
C ILE A 294 -28.52 -12.93 -12.34
N ALA A 295 -28.96 -13.98 -13.04
CA ALA A 295 -29.22 -15.26 -12.36
C ALA A 295 -27.95 -15.80 -11.72
N TYR A 296 -26.79 -15.60 -12.35
CA TYR A 296 -25.54 -16.10 -11.81
C TYR A 296 -25.06 -15.25 -10.64
N MET A 297 -25.11 -13.92 -10.78
CA MET A 297 -24.75 -13.05 -9.67
C MET A 297 -25.57 -13.37 -8.43
N LEU A 298 -26.89 -13.51 -8.59
CA LEU A 298 -27.74 -13.81 -7.45
C LEU A 298 -27.38 -15.15 -6.81
N ALA A 299 -26.93 -16.12 -7.61
CA ALA A 299 -26.64 -17.45 -7.09
C ALA A 299 -25.28 -17.50 -6.41
N ASP A 300 -24.24 -17.04 -7.10
CA ASP A 300 -22.90 -17.03 -6.50
C ASP A 300 -22.90 -16.26 -5.19
N SER A 301 -23.55 -15.10 -5.17
CA SER A 301 -23.76 -14.38 -3.92
C SER A 301 -24.66 -15.19 -2.99
N SER A 302 -24.38 -15.09 -1.69
CA SER A 302 -25.18 -15.74 -0.68
C SER A 302 -26.47 -14.98 -0.34
N ALA A 303 -26.94 -14.14 -1.27
CA ALA A 303 -28.01 -13.20 -0.96
C ALA A 303 -29.32 -13.95 -0.73
N ALA A 304 -29.79 -13.96 0.52
CA ALA A 304 -31.09 -14.51 0.83
C ALA A 304 -32.23 -13.52 0.60
N ILE A 305 -31.92 -12.23 0.56
CA ILE A 305 -32.92 -11.18 0.39
C ILE A 305 -32.55 -10.34 -0.82
N LEU A 306 -33.58 -9.84 -1.50
CA LEU A 306 -33.41 -8.99 -2.68
C LEU A 306 -34.31 -7.78 -2.53
N LEU A 307 -33.69 -6.60 -2.44
CA LEU A 307 -34.42 -5.33 -2.47
C LEU A 307 -34.57 -4.91 -3.92
N THR A 308 -35.81 -4.84 -4.40
CA THR A 308 -36.05 -4.50 -5.79
C THR A 308 -37.45 -3.89 -5.94
N ASN A 309 -37.75 -3.47 -7.16
CA ASN A 309 -39.04 -2.90 -7.52
C ASN A 309 -40.05 -4.01 -7.78
N ALA A 310 -41.28 -3.62 -8.13
CA ALA A 310 -42.20 -4.57 -8.74
C ALA A 310 -41.96 -4.69 -10.24
N LEU A 311 -41.39 -3.64 -10.84
CA LEU A 311 -41.00 -3.70 -12.25
C LEU A 311 -39.95 -4.77 -12.49
N HIS A 312 -38.81 -4.67 -11.79
CA HIS A 312 -37.70 -5.60 -11.95
C HIS A 312 -37.83 -6.85 -11.07
N GLU A 313 -38.99 -7.06 -10.45
CA GLU A 313 -39.14 -8.20 -9.55
C GLU A 313 -39.02 -9.53 -10.30
N GLU A 314 -39.54 -9.58 -11.53
CA GLU A 314 -39.61 -10.85 -12.24
C GLU A 314 -38.27 -11.31 -12.77
N LYS A 315 -37.26 -10.44 -12.83
CA LYS A 315 -35.96 -10.83 -13.34
C LYS A 315 -35.19 -11.75 -12.38
N ALA A 316 -35.68 -11.91 -11.15
CA ALA A 316 -35.04 -12.82 -10.21
C ALA A 316 -35.48 -14.27 -10.40
N ASN A 317 -36.58 -14.49 -11.11
CA ASN A 317 -37.11 -15.84 -11.34
C ASN A 317 -37.25 -16.60 -10.02
N GLY A 318 -37.74 -15.90 -9.00
CA GLY A 318 -37.97 -16.52 -7.70
C GLY A 318 -36.70 -16.95 -7.00
N ALA A 319 -35.61 -16.19 -7.16
CA ALA A 319 -34.33 -16.62 -6.64
C ALA A 319 -34.24 -16.51 -5.12
N CYS A 320 -34.97 -15.57 -4.52
CA CYS A 320 -34.84 -15.30 -3.10
C CYS A 320 -36.04 -14.49 -2.62
N ASP A 321 -36.08 -14.26 -1.30
CA ASP A 321 -37.15 -13.46 -0.72
C ASP A 321 -37.08 -12.03 -1.23
N ILE A 322 -38.20 -11.54 -1.75
CA ILE A 322 -38.27 -10.21 -2.32
C ILE A 322 -38.76 -9.24 -1.25
N ILE A 323 -38.27 -8.01 -1.33
CA ILE A 323 -38.73 -6.91 -0.48
C ILE A 323 -38.99 -5.72 -1.39
N ASP A 324 -40.26 -5.39 -1.59
CA ASP A 324 -40.64 -4.27 -2.44
C ASP A 324 -40.30 -2.97 -1.73
N VAL A 325 -39.37 -2.20 -2.30
CA VAL A 325 -39.04 -0.90 -1.75
C VAL A 325 -40.24 0.06 -1.82
N HIS A 326 -41.26 -0.28 -2.60
CA HIS A 326 -42.43 0.57 -2.75
C HIS A 326 -43.65 0.03 -2.01
N ASP A 327 -43.48 -1.02 -1.19
CA ASP A 327 -44.54 -1.51 -0.33
C ASP A 327 -44.38 -0.87 1.04
N PRO A 328 -45.39 -0.17 1.57
CA PRO A 328 -45.23 0.43 2.91
C PRO A 328 -45.00 -0.60 4.00
N ASP A 329 -45.32 -1.86 3.77
CA ASP A 329 -45.07 -2.90 4.76
C ASP A 329 -43.59 -3.22 4.89
N SER A 330 -42.77 -2.86 3.89
CA SER A 330 -41.33 -3.09 3.96
C SER A 330 -40.62 -2.11 4.88
N TYR A 331 -41.32 -1.09 5.38
CA TYR A 331 -40.72 -0.06 6.20
C TYR A 331 -41.33 -0.11 7.60
N SER A 332 -40.47 -0.04 8.61
CA SER A 332 -40.94 -0.04 9.98
C SER A 332 -41.44 1.35 10.37
N GLU A 333 -42.08 1.41 11.54
CA GLU A 333 -42.44 2.70 12.12
C GLU A 333 -41.22 3.38 12.74
N ASN A 334 -40.23 2.59 13.14
CA ASN A 334 -39.09 3.11 13.89
C ASN A 334 -38.17 3.93 12.98
N THR A 335 -38.05 5.22 13.28
CA THR A 335 -37.15 6.11 12.55
C THR A 335 -35.79 6.24 13.19
N ASN A 336 -35.58 5.64 14.37
CA ASN A 336 -34.35 5.84 15.12
C ASN A 336 -33.24 4.95 14.56
N ASN A 337 -32.00 5.39 14.77
CA ASN A 337 -30.85 4.58 14.38
C ASN A 337 -30.89 3.25 15.12
N LEU A 338 -30.37 2.22 14.48
CA LEU A 338 -30.39 0.89 15.07
C LEU A 338 -29.18 0.68 15.96
N PRO A 339 -29.27 -0.27 16.90
CA PRO A 339 -28.09 -0.61 17.71
C PRO A 339 -26.96 -1.12 16.82
N HIS A 340 -25.77 -0.56 17.01
CA HIS A 340 -24.63 -0.92 16.19
C HIS A 340 -24.19 -2.36 16.49
N VAL A 341 -23.84 -3.09 15.43
CA VAL A 341 -23.47 -4.49 15.57
C VAL A 341 -22.36 -4.85 14.58
N ASN A 342 -21.74 -3.85 13.98
CA ASN A 342 -20.72 -4.05 12.97
C ASN A 342 -19.35 -3.60 13.49
N ARG A 343 -18.32 -4.19 12.89
CA ARG A 343 -16.93 -3.81 13.12
C ARG A 343 -16.34 -3.34 11.80
N PRO A 344 -15.28 -2.54 11.83
CA PRO A 344 -14.71 -2.02 10.57
C PRO A 344 -14.30 -3.11 9.59
N ASP A 345 -14.10 -4.35 10.03
CA ASP A 345 -13.69 -5.44 9.15
C ASP A 345 -14.86 -6.30 8.69
N ASP A 346 -16.09 -5.81 8.86
CA ASP A 346 -17.24 -6.48 8.30
C ASP A 346 -17.43 -6.05 6.84
N LEU A 347 -18.05 -6.92 6.05
CA LEU A 347 -18.32 -6.59 4.66
C LEU A 347 -19.23 -5.37 4.58
N VAL A 348 -18.98 -4.52 3.59
CA VAL A 348 -19.81 -3.36 3.32
C VAL A 348 -20.48 -3.46 1.96
N TYR A 349 -19.79 -4.01 0.96
CA TYR A 349 -20.42 -4.25 -0.33
C TYR A 349 -19.62 -5.31 -1.08
N VAL A 350 -20.28 -5.91 -2.07
CA VAL A 350 -19.69 -6.94 -2.91
C VAL A 350 -20.00 -6.60 -4.35
N MET A 351 -18.97 -6.31 -5.15
CA MET A 351 -19.13 -5.98 -6.55
C MET A 351 -18.36 -6.97 -7.41
N TYR A 352 -18.90 -7.24 -8.60
CA TYR A 352 -18.32 -8.21 -9.52
C TYR A 352 -17.60 -7.46 -10.63
N THR A 353 -16.39 -7.90 -10.96
CA THR A 353 -15.67 -7.36 -12.10
C THR A 353 -16.20 -7.96 -13.39
N SER A 354 -16.24 -7.15 -14.44
CA SER A 354 -16.69 -7.63 -15.74
C SER A 354 -15.86 -8.85 -16.15
N GLY A 355 -16.54 -9.87 -16.65
CA GLY A 355 -15.89 -11.15 -16.92
C GLY A 355 -15.14 -11.18 -18.23
N SER A 356 -14.34 -10.15 -18.50
CA SER A 356 -13.51 -10.16 -19.70
C SER A 356 -12.75 -11.48 -19.83
N THR A 357 -12.04 -11.88 -18.77
CA THR A 357 -11.30 -13.13 -18.73
C THR A 357 -12.04 -14.09 -17.80
N GLY A 358 -12.58 -15.17 -18.35
CA GLY A 358 -13.25 -16.17 -17.54
C GLY A 358 -14.55 -15.66 -16.93
N LEU A 359 -15.01 -16.40 -15.92
CA LEU A 359 -16.24 -16.05 -15.22
C LEU A 359 -16.00 -14.87 -14.28
N ALA A 360 -17.07 -14.12 -14.03
CA ALA A 360 -16.98 -12.94 -13.18
C ALA A 360 -16.77 -13.34 -11.73
N LYS A 361 -15.96 -12.56 -11.02
CA LYS A 361 -15.61 -12.84 -9.64
C LYS A 361 -16.19 -11.76 -8.73
N GLY A 362 -16.72 -12.18 -7.58
CA GLY A 362 -17.29 -11.25 -6.62
C GLY A 362 -16.27 -10.64 -5.69
N VAL A 363 -15.97 -9.36 -5.87
CA VAL A 363 -14.98 -8.66 -5.05
C VAL A 363 -15.61 -8.24 -3.73
N MET A 364 -15.00 -8.65 -2.63
CA MET A 364 -15.46 -8.28 -1.30
C MET A 364 -14.71 -7.04 -0.81
N ILE A 365 -15.45 -6.13 -0.18
CA ILE A 365 -14.89 -4.89 0.35
C ILE A 365 -15.44 -4.69 1.77
N GLU A 366 -14.55 -4.35 2.69
CA GLU A 366 -14.91 -4.19 4.10
C GLU A 366 -15.11 -2.71 4.41
N HIS A 367 -15.75 -2.46 5.56
CA HIS A 367 -16.04 -1.08 5.96
C HIS A 367 -14.76 -0.26 6.06
N HIS A 368 -13.74 -0.79 6.73
CA HIS A 368 -12.51 -0.02 6.90
C HIS A 368 -11.90 0.35 5.55
N ASN A 369 -12.11 -0.48 4.53
CA ASN A 369 -11.66 -0.12 3.19
C ASN A 369 -12.36 1.15 2.71
N LEU A 370 -13.68 1.17 2.81
CA LEU A 370 -14.46 2.31 2.32
C LEU A 370 -14.24 3.53 3.20
N VAL A 371 -14.19 3.34 4.52
CA VAL A 371 -14.01 4.47 5.43
C VAL A 371 -12.72 5.21 5.13
N ASN A 372 -11.64 4.46 4.91
CA ASN A 372 -10.35 5.11 4.66
C ASN A 372 -10.39 5.98 3.42
N PHE A 373 -11.05 5.51 2.36
CA PHE A 373 -11.11 6.28 1.12
C PHE A 373 -11.87 7.59 1.33
N CYS A 374 -13.01 7.53 2.03
CA CYS A 374 -13.80 8.74 2.25
C CYS A 374 -13.09 9.69 3.21
N GLU A 375 -12.41 9.15 4.22
CA GLU A 375 -11.68 10.01 5.15
C GLU A 375 -10.54 10.74 4.47
N TRP A 376 -10.01 10.18 3.38
CA TRP A 376 -8.98 10.83 2.59
C TRP A 376 -9.58 11.74 1.52
N TYR A 377 -10.70 11.34 0.93
CA TYR A 377 -11.32 12.10 -0.15
C TYR A 377 -11.77 13.48 0.34
N ARG A 378 -12.41 13.53 1.51
CA ARG A 378 -12.95 14.80 1.99
C ARG A 378 -11.87 15.88 2.09
N PRO A 379 -10.78 15.68 2.85
CA PRO A 379 -9.79 16.76 2.96
C PRO A 379 -8.96 16.95 1.70
N TYR A 380 -8.78 15.91 0.89
CA TYR A 380 -7.95 16.05 -0.31
C TYR A 380 -8.57 17.02 -1.29
N PHE A 381 -9.90 17.00 -1.44
CA PHE A 381 -10.60 17.90 -2.33
C PHE A 381 -11.37 18.98 -1.58
N GLY A 382 -11.11 19.15 -0.29
CA GLY A 382 -11.79 20.20 0.47
C GLY A 382 -13.29 20.18 0.33
N VAL A 383 -13.89 18.98 0.34
CA VAL A 383 -15.33 18.88 0.15
C VAL A 383 -16.03 19.47 1.37
N THR A 384 -17.04 20.28 1.13
CA THR A 384 -17.87 20.90 2.16
C THR A 384 -19.33 20.71 1.81
N PRO A 385 -20.23 20.98 2.75
CA PRO A 385 -21.66 20.89 2.43
C PRO A 385 -22.09 21.79 1.28
N ALA A 386 -21.27 22.77 0.90
CA ALA A 386 -21.59 23.64 -0.22
C ALA A 386 -21.46 22.93 -1.56
N ASP A 387 -20.84 21.75 -1.59
CA ASP A 387 -20.63 21.06 -2.85
C ASP A 387 -21.86 20.26 -3.24
N LYS A 388 -21.90 19.89 -4.52
CA LYS A 388 -22.98 19.09 -5.09
C LYS A 388 -22.36 18.18 -6.14
N ALA A 389 -22.59 16.88 -6.01
CA ALA A 389 -21.91 15.88 -6.83
C ALA A 389 -22.91 15.01 -7.58
N LEU A 390 -22.38 14.26 -8.55
CA LEU A 390 -23.18 13.44 -9.44
C LEU A 390 -23.12 11.98 -9.05
N VAL A 391 -24.26 11.30 -9.09
CA VAL A 391 -24.31 9.85 -9.01
C VAL A 391 -24.31 9.32 -10.43
N TYR A 392 -23.15 9.38 -11.10
CA TYR A 392 -23.05 9.11 -12.53
C TYR A 392 -22.90 7.62 -12.83
N SER A 393 -21.87 6.99 -12.26
CA SER A 393 -21.54 5.62 -12.63
C SER A 393 -22.64 4.64 -12.21
N SER A 394 -22.72 3.53 -12.94
CA SER A 394 -23.63 2.46 -12.57
C SER A 394 -23.33 1.99 -11.15
N PHE A 395 -24.37 1.81 -10.35
CA PHE A 395 -24.15 1.44 -8.96
C PHE A 395 -23.61 0.02 -8.82
N SER A 396 -23.42 -0.70 -9.92
CA SER A 396 -22.74 -1.99 -9.90
C SER A 396 -21.23 -1.86 -9.99
N PHE A 397 -20.71 -0.68 -10.30
CA PHE A 397 -19.28 -0.42 -10.35
C PHE A 397 -18.82 0.30 -9.10
N ASP A 398 -17.58 0.03 -8.68
CA ASP A 398 -17.04 0.69 -7.50
C ASP A 398 -16.89 2.20 -7.72
N GLY A 399 -16.91 2.66 -8.97
CA GLY A 399 -16.92 4.09 -9.21
C GLY A 399 -18.12 4.77 -8.59
N SER A 400 -19.21 4.03 -8.40
CA SER A 400 -20.39 4.59 -7.74
C SER A 400 -20.13 4.86 -6.27
N ALA A 401 -19.32 4.02 -5.62
CA ALA A 401 -18.98 4.26 -4.22
C ALA A 401 -18.34 5.63 -4.05
N LEU A 402 -17.46 6.02 -4.98
CA LEU A 402 -16.90 7.36 -4.95
C LEU A 402 -18.00 8.41 -5.00
N ASP A 403 -18.96 8.23 -5.93
CA ASP A 403 -20.03 9.21 -6.09
C ASP A 403 -20.85 9.33 -4.81
N ILE A 404 -21.37 8.21 -4.30
CA ILE A 404 -22.34 8.24 -3.23
C ILE A 404 -21.68 8.46 -1.88
N PHE A 405 -20.66 7.65 -1.56
CA PHE A 405 -20.21 7.53 -0.18
C PHE A 405 -19.31 8.68 0.25
N THR A 406 -18.36 9.09 -0.60
CA THR A 406 -17.43 10.14 -0.20
C THR A 406 -18.18 11.43 0.14
N HIS A 407 -19.04 11.88 -0.77
CA HIS A 407 -19.67 13.19 -0.61
C HIS A 407 -20.72 13.17 0.50
N LEU A 408 -21.35 12.01 0.74
CA LEU A 408 -22.35 11.95 1.80
C LEU A 408 -21.73 12.20 3.17
N LEU A 409 -20.50 11.74 3.38
CA LEU A 409 -19.81 11.97 4.65
C LEU A 409 -19.25 13.38 4.77
N ALA A 410 -19.29 14.16 3.69
CA ALA A 410 -18.85 15.55 3.72
C ALA A 410 -20.00 16.53 3.91
N GLY A 411 -21.23 16.04 3.97
CA GLY A 411 -22.39 16.90 4.06
C GLY A 411 -22.88 17.46 2.74
N ALA A 412 -22.26 17.09 1.63
CA ALA A 412 -22.62 17.60 0.32
C ALA A 412 -23.99 17.04 -0.08
N ALA A 413 -24.40 17.30 -1.31
CA ALA A 413 -25.68 16.85 -1.84
C ALA A 413 -25.44 16.06 -3.11
N LEU A 414 -26.04 14.87 -3.18
CA LEU A 414 -25.96 14.03 -4.36
C LEU A 414 -27.08 14.38 -5.33
N HIS A 415 -26.76 14.27 -6.63
CA HIS A 415 -27.73 14.53 -7.70
C HIS A 415 -27.74 13.32 -8.62
N ILE A 416 -28.85 12.57 -8.59
CA ILE A 416 -28.97 11.39 -9.44
C ILE A 416 -28.97 11.80 -10.90
N VAL A 417 -28.21 11.08 -11.72
CA VAL A 417 -28.13 11.31 -13.15
C VAL A 417 -29.07 10.32 -13.84
N PRO A 418 -30.16 10.77 -14.46
CA PRO A 418 -31.10 9.82 -15.06
C PRO A 418 -30.56 9.19 -16.33
N SER A 419 -31.40 8.44 -17.05
CA SER A 419 -30.96 7.77 -18.26
C SER A 419 -30.71 8.75 -19.40
N GLU A 420 -31.59 9.75 -19.54
CA GLU A 420 -31.54 10.65 -20.69
C GLU A 420 -30.28 11.51 -20.73
N ARG A 421 -29.51 11.57 -19.65
CA ARG A 421 -28.32 12.40 -19.58
C ARG A 421 -27.10 11.59 -19.18
N LYS A 422 -27.10 10.30 -19.48
CA LYS A 422 -25.94 9.44 -19.24
C LYS A 422 -24.99 9.47 -20.44
N TYR A 423 -25.51 9.17 -21.64
CA TYR A 423 -24.68 9.19 -22.84
C TYR A 423 -24.59 10.59 -23.44
N ASP A 424 -25.68 11.36 -23.36
CA ASP A 424 -25.70 12.74 -23.86
C ASP A 424 -25.00 13.62 -22.84
N LEU A 425 -23.71 13.89 -23.07
CA LEU A 425 -22.95 14.70 -22.11
C LEU A 425 -23.24 16.19 -22.26
N ASP A 426 -23.62 16.65 -23.45
CA ASP A 426 -24.01 18.05 -23.59
C ASP A 426 -25.21 18.37 -22.72
N ALA A 427 -26.21 17.48 -22.72
CA ALA A 427 -27.36 17.66 -21.83
C ALA A 427 -26.91 17.63 -20.37
N LEU A 428 -26.08 16.65 -20.01
CA LEU A 428 -25.55 16.57 -18.66
C LEU A 428 -24.80 17.83 -18.27
N ASN A 429 -24.13 18.47 -19.24
CA ASN A 429 -23.42 19.71 -18.94
C ASN A 429 -24.38 20.80 -18.51
N ASP A 430 -25.49 20.95 -19.24
CA ASP A 430 -26.46 21.97 -18.88
C ASP A 430 -27.00 21.75 -17.47
N TYR A 431 -27.33 20.50 -17.14
CA TYR A 431 -27.76 20.18 -15.78
C TYR A 431 -26.73 20.66 -14.76
N CYS A 432 -25.46 20.41 -15.03
CA CYS A 432 -24.41 20.79 -14.09
C CYS A 432 -24.37 22.30 -13.88
N ASN A 433 -24.46 23.06 -14.98
CA ASN A 433 -24.47 24.52 -14.85
C ASN A 433 -25.76 25.00 -14.19
N GLN A 434 -26.89 24.37 -14.52
CA GLN A 434 -28.16 24.71 -13.88
C GLN A 434 -28.05 24.57 -12.37
N GLU A 435 -27.84 23.34 -11.89
CA GLU A 435 -27.91 23.05 -10.47
C GLU A 435 -26.68 23.51 -9.70
N GLY A 436 -25.57 23.79 -10.38
CA GLY A 436 -24.38 24.25 -9.69
C GLY A 436 -23.53 23.10 -9.20
N ILE A 437 -23.42 22.05 -10.02
CA ILE A 437 -22.60 20.90 -9.67
C ILE A 437 -21.14 21.32 -9.59
N THR A 438 -20.47 20.94 -8.50
CA THR A 438 -19.13 21.42 -8.20
C THR A 438 -18.05 20.36 -8.25
N ILE A 439 -18.40 19.08 -8.08
CA ILE A 439 -17.39 18.03 -8.02
C ILE A 439 -18.02 16.67 -8.35
N SER A 440 -17.37 15.92 -9.22
CA SER A 440 -17.84 14.58 -9.55
C SER A 440 -16.68 13.79 -10.15
N TYR A 441 -16.90 12.49 -10.30
CA TYR A 441 -15.95 11.59 -10.94
C TYR A 441 -16.56 11.10 -12.24
N LEU A 442 -15.77 11.17 -13.32
CA LEU A 442 -16.20 10.72 -14.64
C LEU A 442 -15.16 9.74 -15.16
N PRO A 443 -15.57 8.58 -15.71
CA PRO A 443 -14.60 7.67 -16.30
C PRO A 443 -13.68 8.36 -17.29
N THR A 444 -12.55 7.74 -17.63
CA THR A 444 -11.61 8.37 -18.54
C THR A 444 -12.29 8.75 -19.85
N GLY A 445 -13.13 7.86 -20.39
CA GLY A 445 -13.84 8.13 -21.62
C GLY A 445 -14.73 9.35 -21.53
N ALA A 446 -15.82 9.25 -20.76
CA ALA A 446 -16.76 10.34 -20.64
C ALA A 446 -16.07 11.63 -20.19
N ALA A 447 -15.07 11.50 -19.31
CA ALA A 447 -14.37 12.69 -18.84
C ALA A 447 -13.67 13.42 -19.97
N GLU A 448 -13.18 12.68 -20.97
CA GLU A 448 -12.49 13.32 -22.08
C GLU A 448 -13.46 14.07 -22.98
N GLN A 449 -14.65 13.49 -23.21
CA GLN A 449 -15.66 14.18 -24.02
C GLN A 449 -16.19 15.41 -23.30
N PHE A 450 -16.33 15.34 -21.98
CA PHE A 450 -16.89 16.46 -21.22
C PHE A 450 -16.01 17.69 -21.29
N MET A 451 -14.72 17.53 -21.61
CA MET A 451 -13.84 18.69 -21.74
C MET A 451 -14.20 19.55 -22.95
N GLN A 452 -14.90 18.97 -23.93
CA GLN A 452 -15.38 19.76 -25.07
C GLN A 452 -16.45 20.76 -24.63
N MET A 453 -17.37 20.31 -23.78
CA MET A 453 -18.49 21.15 -23.37
C MET A 453 -17.99 22.36 -22.59
N ASP A 454 -18.77 23.44 -22.63
CA ASP A 454 -18.47 24.64 -21.88
C ASP A 454 -19.12 24.52 -20.50
N ASN A 455 -18.31 24.67 -19.44
CA ASN A 455 -18.78 24.46 -18.09
C ASN A 455 -18.21 25.53 -17.17
N GLN A 456 -19.07 26.06 -16.30
CA GLN A 456 -18.68 27.03 -15.29
C GLN A 456 -18.99 26.57 -13.88
N SER A 457 -19.66 25.43 -13.72
CA SER A 457 -20.08 24.97 -12.40
C SER A 457 -18.98 24.20 -11.67
N PHE A 458 -18.36 23.23 -12.36
CA PHE A 458 -17.44 22.33 -11.70
C PHE A 458 -16.29 23.08 -11.05
N ARG A 459 -15.98 22.69 -9.81
CA ARG A 459 -14.76 23.09 -9.13
C ARG A 459 -13.65 22.08 -9.30
N VAL A 460 -13.99 20.79 -9.41
CA VAL A 460 -13.03 19.70 -9.55
C VAL A 460 -13.73 18.56 -10.27
N VAL A 461 -13.01 17.87 -11.14
CA VAL A 461 -13.50 16.63 -11.74
C VAL A 461 -12.39 15.59 -11.65
N ILE A 462 -12.75 14.39 -11.23
CA ILE A 462 -11.82 13.27 -11.08
C ILE A 462 -12.09 12.29 -12.21
N THR A 463 -11.03 11.68 -12.73
CA THR A 463 -11.19 10.70 -13.79
C THR A 463 -10.17 9.58 -13.60
N GLY A 464 -10.45 8.46 -14.23
CA GLY A 464 -9.59 7.28 -14.14
C GLY A 464 -10.33 6.05 -14.61
N GLY A 465 -9.56 4.96 -14.73
CA GLY A 465 -10.05 3.70 -15.25
C GLY A 465 -9.42 3.32 -16.59
N ASP A 466 -8.98 4.31 -17.35
CA ASP A 466 -8.23 4.09 -18.58
C ASP A 466 -7.19 5.19 -18.72
N VAL A 467 -6.38 5.10 -19.76
CA VAL A 467 -5.27 6.04 -19.94
C VAL A 467 -5.84 7.41 -20.33
N LEU A 468 -5.49 8.43 -19.54
CA LEU A 468 -6.00 9.79 -19.73
C LEU A 468 -5.06 10.54 -20.66
N LYS A 469 -5.37 10.51 -21.95
CA LYS A 469 -4.47 11.11 -22.95
C LYS A 469 -4.68 12.60 -23.13
N LYS A 470 -5.90 13.10 -23.02
CA LYS A 470 -6.25 14.47 -23.38
C LYS A 470 -6.42 15.33 -22.14
N ILE A 471 -5.85 16.53 -22.19
CA ILE A 471 -5.86 17.43 -21.04
C ILE A 471 -6.61 18.73 -21.31
N GLU A 472 -6.77 19.14 -22.56
CA GLU A 472 -7.34 20.46 -22.86
C GLU A 472 -8.84 20.47 -22.55
N ARG A 473 -9.27 21.49 -21.82
CA ARG A 473 -10.66 21.60 -21.38
C ARG A 473 -11.03 23.07 -21.28
N ASN A 474 -12.32 23.34 -21.39
CA ASN A 474 -12.80 24.72 -21.50
C ASN A 474 -13.03 25.38 -20.16
N GLY A 475 -13.56 24.66 -19.18
CA GLY A 475 -13.87 25.24 -17.88
C GLY A 475 -12.67 25.77 -17.12
N THR A 476 -12.86 26.01 -15.81
CA THR A 476 -11.81 26.50 -14.93
C THR A 476 -11.47 25.51 -13.83
N TYR A 477 -12.00 24.29 -13.89
CA TYR A 477 -11.91 23.34 -12.80
C TYR A 477 -10.61 22.55 -12.87
N LYS A 478 -10.15 22.09 -11.70
CA LYS A 478 -8.98 21.24 -11.63
C LYS A 478 -9.31 19.83 -12.12
N LEU A 479 -8.38 19.22 -12.83
CA LEU A 479 -8.52 17.85 -13.30
C LEU A 479 -7.60 16.94 -12.50
N TYR A 480 -8.10 15.76 -12.15
CA TYR A 480 -7.35 14.79 -11.37
C TYR A 480 -7.41 13.43 -12.06
N ASN A 481 -6.27 12.75 -12.13
CA ASN A 481 -6.19 11.39 -12.65
C ASN A 481 -6.01 10.43 -11.48
N GLY A 482 -6.79 9.36 -11.47
CA GLY A 482 -6.77 8.41 -10.37
C GLY A 482 -6.70 6.98 -10.87
N TYR A 483 -5.86 6.19 -10.21
CA TYR A 483 -5.62 4.80 -10.58
C TYR A 483 -6.13 3.88 -9.47
N GLY A 484 -6.54 2.68 -9.87
CA GLY A 484 -6.96 1.67 -8.92
C GLY A 484 -7.84 0.64 -9.58
N MET A 485 -8.17 -0.39 -8.81
CA MET A 485 -9.07 -1.45 -9.24
C MET A 485 -10.09 -1.73 -8.14
N THR A 486 -11.12 -2.49 -8.51
CA THR A 486 -12.18 -2.80 -7.56
C THR A 486 -11.65 -3.56 -6.34
N GLU A 487 -10.56 -4.30 -6.50
CA GLU A 487 -10.09 -5.16 -5.42
C GLU A 487 -9.46 -4.35 -4.29
N CYS A 488 -8.92 -3.17 -4.58
CA CYS A 488 -8.31 -2.31 -3.57
C CYS A 488 -9.14 -1.06 -3.31
N THR A 489 -10.45 -1.16 -3.53
CA THR A 489 -11.40 -0.11 -3.15
C THR A 489 -11.25 1.16 -3.99
N ILE A 490 -11.96 1.21 -5.11
CA ILE A 490 -12.09 2.44 -5.89
C ILE A 490 -10.76 2.84 -6.47
N MET A 491 -9.94 3.55 -5.70
CA MET A 491 -8.69 4.11 -6.20
C MET A 491 -7.66 4.15 -5.09
N VAL A 492 -6.39 4.14 -5.50
CA VAL A 492 -5.27 4.11 -4.55
C VAL A 492 -4.27 5.24 -4.75
N THR A 493 -4.20 5.86 -5.93
CA THR A 493 -3.31 6.97 -6.17
C THR A 493 -4.08 8.12 -6.82
N MET A 494 -3.55 9.32 -6.69
CA MET A 494 -4.21 10.50 -7.22
C MET A 494 -3.19 11.53 -7.67
N PHE A 495 -3.38 12.06 -8.87
CA PHE A 495 -2.51 13.07 -9.45
C PHE A 495 -3.34 14.27 -9.88
N GLU A 496 -2.84 15.47 -9.58
CA GLU A 496 -3.42 16.70 -10.08
C GLU A 496 -2.75 17.04 -11.40
N VAL A 497 -3.53 17.08 -12.48
CA VAL A 497 -3.00 17.36 -13.81
C VAL A 497 -2.77 18.87 -13.90
N ASP A 498 -1.50 19.28 -13.87
CA ASP A 498 -1.12 20.67 -13.96
C ASP A 498 -0.65 21.07 -15.36
N LYS A 499 0.05 20.18 -16.06
CA LYS A 499 0.55 20.44 -17.40
C LYS A 499 0.10 19.30 -18.31
N PRO A 500 0.41 19.37 -19.60
CA PRO A 500 0.31 18.17 -20.45
C PRO A 500 1.49 17.24 -20.20
N TYR A 501 1.26 15.96 -20.47
CA TYR A 501 2.28 14.93 -20.30
C TYR A 501 2.17 13.93 -21.44
N ALA A 502 3.31 13.46 -21.92
CA ALA A 502 3.32 12.33 -22.86
C ALA A 502 2.68 11.11 -22.22
N ASN A 503 3.21 10.70 -21.07
CA ASN A 503 2.55 9.75 -20.18
C ASN A 503 2.13 10.51 -18.93
N ILE A 504 0.84 10.47 -18.61
CA ILE A 504 0.27 11.29 -17.55
C ILE A 504 0.35 10.49 -16.26
N PRO A 505 1.07 10.97 -15.24
CA PRO A 505 1.27 10.15 -14.04
C PRO A 505 -0.03 9.92 -13.28
N ILE A 506 -0.05 8.81 -12.53
CA ILE A 506 -1.19 8.47 -11.70
C ILE A 506 -1.03 8.97 -10.27
N GLY A 507 0.06 9.66 -9.97
CA GLY A 507 0.16 10.40 -8.72
C GLY A 507 0.83 9.61 -7.60
N LYS A 508 0.49 10.02 -6.38
CA LYS A 508 1.03 9.44 -5.17
C LYS A 508 -0.07 8.73 -4.40
N PRO A 509 0.28 7.75 -3.56
CA PRO A 509 -0.77 6.97 -2.88
C PRO A 509 -1.63 7.84 -1.97
N ILE A 510 -2.85 7.37 -1.73
CA ILE A 510 -3.77 8.05 -0.82
C ILE A 510 -3.35 7.76 0.62
N ASP A 511 -4.27 7.90 1.55
CA ASP A 511 -3.96 7.67 2.96
C ASP A 511 -3.79 6.18 3.23
N ARG A 512 -2.86 5.87 4.14
CA ARG A 512 -2.70 4.52 4.69
C ARG A 512 -2.54 3.47 3.59
N THR A 513 -2.03 3.87 2.43
CA THR A 513 -1.72 2.97 1.33
C THR A 513 -0.27 3.11 0.93
N ARG A 514 0.28 2.04 0.36
CA ARG A 514 1.66 1.99 -0.06
C ARG A 514 1.76 1.25 -1.39
N ILE A 515 2.48 1.85 -2.34
CA ILE A 515 2.73 1.23 -3.63
C ILE A 515 4.19 0.81 -3.68
N LEU A 516 4.44 -0.42 -4.11
CA LEU A 516 5.78 -0.96 -4.30
C LEU A 516 5.94 -1.42 -5.74
N ILE A 517 7.09 -1.11 -6.34
CA ILE A 517 7.43 -1.54 -7.69
C ILE A 517 8.43 -2.67 -7.57
N LEU A 518 8.03 -3.87 -7.98
CA LEU A 518 8.81 -5.09 -7.76
C LEU A 518 9.12 -5.77 -9.09
N ASP A 519 10.21 -6.53 -9.09
CA ASP A 519 10.62 -7.28 -10.27
C ASP A 519 9.88 -8.62 -10.29
N GLU A 520 10.27 -9.51 -11.21
CA GLU A 520 9.63 -10.82 -11.27
C GLU A 520 9.89 -11.65 -10.02
N ALA A 521 10.95 -11.34 -9.28
CA ALA A 521 11.29 -12.04 -8.05
C ALA A 521 10.68 -11.39 -6.81
N LEU A 522 9.81 -10.39 -7.00
CA LEU A 522 9.16 -9.66 -5.92
C LEU A 522 10.16 -8.85 -5.09
N ALA A 523 11.26 -8.43 -5.70
CA ALA A 523 12.27 -7.63 -5.04
C ALA A 523 12.14 -6.16 -5.45
N LEU A 524 12.43 -5.26 -4.52
CA LEU A 524 12.32 -3.84 -4.79
C LEU A 524 13.08 -3.46 -6.05
N GLN A 525 12.52 -2.53 -6.81
CA GLN A 525 13.17 -1.94 -7.97
C GLN A 525 13.57 -0.51 -7.64
N PRO A 526 14.79 -0.09 -8.00
CA PRO A 526 15.18 1.30 -7.72
C PRO A 526 14.27 2.29 -8.41
N ILE A 527 14.28 3.53 -7.90
CA ILE A 527 13.42 4.56 -8.47
C ILE A 527 13.74 4.72 -9.96
N GLY A 528 12.69 4.89 -10.76
CA GLY A 528 12.83 5.05 -12.19
C GLY A 528 12.87 3.75 -12.96
N VAL A 529 12.89 2.60 -12.30
CA VAL A 529 12.93 1.30 -12.94
C VAL A 529 11.53 0.71 -12.94
N ALA A 530 11.13 0.14 -14.08
CA ALA A 530 9.79 -0.40 -14.21
C ALA A 530 9.67 -1.73 -13.45
N GLY A 531 8.44 -2.16 -13.27
CA GLY A 531 8.15 -3.41 -12.59
C GLY A 531 6.66 -3.52 -12.34
N GLU A 532 6.26 -4.69 -11.84
CA GLU A 532 4.87 -4.92 -11.50
C GLU A 532 4.48 -4.08 -10.29
N LEU A 533 3.37 -3.36 -10.41
CA LEU A 533 2.92 -2.49 -9.34
C LEU A 533 2.19 -3.31 -8.28
N PHE A 534 2.63 -3.18 -7.03
CA PHE A 534 2.02 -3.86 -5.89
C PHE A 534 1.38 -2.84 -4.96
N ILE A 535 0.27 -3.24 -4.34
CA ILE A 535 -0.50 -2.37 -3.45
C ILE A 535 -0.52 -2.97 -2.07
N VAL A 536 -0.30 -2.13 -1.05
CA VAL A 536 -0.28 -2.54 0.34
C VAL A 536 -1.05 -1.53 1.16
N GLY A 537 -1.77 -2.00 2.17
CA GLY A 537 -2.37 -1.10 3.14
C GLY A 537 -3.86 -1.22 3.30
N GLU A 538 -4.48 -0.16 3.82
CA GLU A 538 -5.89 -0.18 4.16
C GLU A 538 -6.80 -0.41 2.96
N GLY A 539 -6.29 -0.27 1.74
CA GLY A 539 -7.14 -0.40 0.57
C GLY A 539 -7.55 -1.83 0.29
N LEU A 540 -6.68 -2.80 0.56
CA LEU A 540 -6.92 -4.18 0.15
C LEU A 540 -8.20 -4.73 0.77
N GLY A 541 -9.09 -5.22 -0.09
CA GLY A 541 -10.32 -5.83 0.35
C GLY A 541 -10.12 -7.23 0.86
N ARG A 542 -11.24 -7.92 1.06
CA ARG A 542 -11.21 -9.26 1.65
C ARG A 542 -10.76 -10.31 0.65
N GLY A 543 -11.04 -10.12 -0.63
CA GLY A 543 -10.69 -11.06 -1.68
C GLY A 543 -11.90 -11.38 -2.52
N TYR A 544 -11.79 -12.46 -3.29
CA TYR A 544 -12.86 -12.88 -4.19
C TYR A 544 -13.78 -13.86 -3.48
N LEU A 545 -15.09 -13.62 -3.61
CA LEU A 545 -16.08 -14.42 -2.91
C LEU A 545 -16.07 -15.87 -3.41
N ASN A 546 -15.93 -16.80 -2.47
CA ASN A 546 -15.98 -18.24 -2.76
C ASN A 546 -14.89 -18.66 -3.75
N ARG A 547 -13.80 -17.91 -3.82
CA ARG A 547 -12.67 -18.22 -4.71
C ARG A 547 -11.37 -18.15 -3.92
N PRO A 548 -11.20 -18.99 -2.90
CA PRO A 548 -10.01 -18.89 -2.05
C PRO A 548 -8.71 -19.11 -2.81
N GLU A 549 -8.67 -20.08 -3.72
CA GLU A 549 -7.46 -20.32 -4.48
C GLU A 549 -7.11 -19.12 -5.34
N LEU A 550 -8.09 -18.55 -6.04
CA LEU A 550 -7.83 -17.36 -6.83
C LEU A 550 -7.50 -16.16 -5.95
N THR A 551 -8.09 -16.09 -4.76
CA THR A 551 -7.75 -15.02 -3.82
C THR A 551 -6.29 -15.09 -3.42
N ALA A 552 -5.80 -16.29 -3.08
CA ALA A 552 -4.40 -16.44 -2.69
C ALA A 552 -3.46 -16.11 -3.84
N GLU A 553 -3.91 -16.32 -5.07
CA GLU A 553 -3.06 -16.01 -6.22
C GLU A 553 -2.77 -14.51 -6.32
N LYS A 554 -3.74 -13.67 -5.95
CA LYS A 554 -3.63 -12.22 -6.12
C LYS A 554 -3.32 -11.48 -4.83
N PHE A 555 -3.79 -11.97 -3.69
CA PHE A 555 -3.49 -11.38 -2.39
C PHE A 555 -2.41 -12.25 -1.75
N ILE A 556 -1.16 -11.85 -1.95
CA ILE A 556 -0.01 -12.69 -1.64
C ILE A 556 0.53 -12.33 -0.26
N VAL A 557 1.28 -13.27 0.31
CA VAL A 557 2.12 -13.02 1.48
C VAL A 557 3.55 -12.94 0.96
N HIS A 558 4.15 -11.77 1.06
CA HIS A 558 5.46 -11.55 0.45
C HIS A 558 6.49 -12.48 1.07
N PRO A 559 7.38 -13.07 0.25
CA PRO A 559 8.33 -14.04 0.82
C PRO A 559 9.33 -13.42 1.79
N GLN A 560 9.70 -12.15 1.62
CA GLN A 560 10.69 -11.51 2.47
C GLN A 560 10.05 -10.66 3.56
N THR A 561 9.34 -9.60 3.18
CA THR A 561 8.75 -8.70 4.17
C THR A 561 7.51 -9.27 4.83
N GLY A 562 6.98 -10.39 4.34
CA GLY A 562 5.87 -11.06 4.98
C GLY A 562 4.57 -10.28 5.01
N GLU A 563 4.52 -9.16 4.29
CA GLU A 563 3.33 -8.33 4.27
C GLU A 563 2.31 -8.87 3.27
N ARG A 564 1.05 -8.49 3.46
CA ARG A 564 -0.03 -8.84 2.55
C ARG A 564 -0.10 -7.77 1.46
N MET A 565 0.03 -8.18 0.21
CA MET A 565 0.01 -7.28 -0.92
C MET A 565 -0.89 -7.83 -2.01
N TYR A 566 -1.48 -6.92 -2.78
CA TYR A 566 -2.26 -7.26 -3.96
C TYR A 566 -1.41 -6.99 -5.18
N ARG A 567 -1.22 -8.01 -6.02
CA ARG A 567 -0.47 -7.85 -7.26
C ARG A 567 -1.45 -7.47 -8.37
N THR A 568 -1.22 -6.30 -8.97
CA THR A 568 -2.18 -5.76 -9.91
C THR A 568 -2.08 -6.39 -11.30
N GLY A 569 -0.88 -6.80 -11.70
CA GLY A 569 -0.64 -7.16 -13.07
C GLY A 569 -0.35 -5.98 -13.97
N ASP A 570 -0.15 -4.80 -13.40
CA ASP A 570 0.14 -3.58 -14.15
C ASP A 570 1.62 -3.26 -14.07
N ARG A 571 2.14 -2.63 -15.11
CA ARG A 571 3.51 -2.14 -15.15
C ARG A 571 3.51 -0.66 -14.76
N ALA A 572 4.56 -0.25 -14.05
CA ALA A 572 4.68 1.14 -13.63
C ALA A 572 6.10 1.38 -13.13
N ARG A 573 6.43 2.64 -12.89
CA ARG A 573 7.74 3.03 -12.41
C ARG A 573 7.61 4.34 -11.64
N PHE A 574 8.36 4.46 -10.55
CA PHE A 574 8.36 5.69 -9.79
C PHE A 574 9.17 6.76 -10.50
N LEU A 575 8.76 8.00 -10.33
CA LEU A 575 9.49 9.16 -10.82
C LEU A 575 10.30 9.78 -9.70
N PRO A 576 11.31 10.59 -10.04
CA PRO A 576 12.14 11.19 -8.98
C PRO A 576 11.37 12.08 -8.02
N ASP A 577 10.21 12.60 -8.43
CA ASP A 577 9.42 13.48 -7.57
C ASP A 577 8.35 12.74 -6.78
N GLY A 578 8.34 11.40 -6.83
CA GLY A 578 7.43 10.60 -6.05
C GLY A 578 6.18 10.15 -6.78
N ASN A 579 5.85 10.78 -7.91
CA ASN A 579 4.66 10.41 -8.65
C ASN A 579 4.91 9.13 -9.45
N ILE A 580 3.83 8.37 -9.67
CA ILE A 580 3.91 7.07 -10.30
C ILE A 580 3.48 7.19 -11.76
N GLU A 581 4.12 6.41 -12.63
CA GLU A 581 3.82 6.38 -14.05
C GLU A 581 3.26 5.02 -14.42
N PHE A 582 2.10 5.01 -15.07
CA PHE A 582 1.48 3.77 -15.53
C PHE A 582 2.05 3.40 -16.89
N LEU A 583 2.42 2.13 -17.06
CA LEU A 583 3.07 1.64 -18.27
C LEU A 583 2.37 0.38 -18.78
N GLY A 584 1.04 0.45 -18.91
CA GLY A 584 0.28 -0.64 -19.48
C GLY A 584 0.31 -1.91 -18.67
N ARG A 585 -0.32 -2.96 -19.18
CA ARG A 585 -0.37 -4.23 -18.46
C ARG A 585 0.96 -4.97 -18.58
N LEU A 586 1.06 -6.06 -17.82
CA LEU A 586 2.30 -6.84 -17.78
C LEU A 586 2.52 -7.58 -19.09
N ASP A 587 1.61 -8.48 -19.44
CA ASP A 587 1.73 -9.25 -20.67
C ASP A 587 1.10 -8.49 -21.85
#